data_4QML
#
_entry.id   4QML
#
_cell.length_a   47.534
_cell.length_b   55.121
_cell.length_c   60.879
_cell.angle_alpha   90.00
_cell.angle_beta   112.67
_cell.angle_gamma   90.00
#
_symmetry.space_group_name_H-M   'P 1 21 1'
#
loop_
_entity.id
_entity.type
_entity.pdbx_description
1 polymer 'Serine/threonine-protein kinase 24'
2 non-polymer 1,2-ETHANEDIOL
3 non-polymer 'MAGNESIUM ION'
4 non-polymer 'PHOSPHOAMINOPHOSPHONIC ACID-ADENYLATE ESTER'
5 water water
#
_entity_poly.entity_id   1
_entity_poly.type   'polypeptide(L)'
_entity_poly.pdbx_seq_one_letter_code
;GPLGSEFMAHSPVQSGLPGMQNLKADPEELFTKLEKIGKGSFGEVFKGIDNRTQKVVAIKIIDLEEAEDEIEDIQQEITV
LSQCDSPYVTKYYGSYLKDTKLWIIMEYLGGGSALDLLEPGPLDETQIATILREILKGLDYLHSEKKIHRDIKAANVLLS
EHGEVKLADFGVAGQLTDTQIKRN(TPO)FVGTPFWMAPEVIKQSAYDSKADIWSLGITAIELARGEPPHSELHPMKVLF
LIPKNNPPTLEGNYSKPLKEFVEACLNKEPSFRPTAKELLKHKFILRNAKKTSYLTELIDRYKRWKAEQSHDDS
;
_entity_poly.pdbx_strand_id   A
#
loop_
_chem_comp.id
_chem_comp.type
_chem_comp.name
_chem_comp.formula
ANP non-polymer 'PHOSPHOAMINOPHOSPHONIC ACID-ADENYLATE ESTER' 'C10 H17 N6 O12 P3'
EDO non-polymer 1,2-ETHANEDIOL 'C2 H6 O2'
MG non-polymer 'MAGNESIUM ION' 'Mg 2'
#
# COMPACT_ATOMS: atom_id res chain seq x y z
N ALA A 25 -31.47 3.14 1.19
CA ALA A 25 -30.32 2.28 1.48
C ALA A 25 -29.74 2.62 2.86
N ASP A 26 -30.21 1.91 3.88
CA ASP A 26 -29.76 2.12 5.25
C ASP A 26 -28.67 1.11 5.63
N PRO A 27 -27.41 1.58 5.65
CA PRO A 27 -26.29 0.71 5.99
C PRO A 27 -26.32 0.28 7.46
N GLU A 28 -27.10 0.97 8.30
CA GLU A 28 -27.27 0.54 9.68
C GLU A 28 -28.19 -0.67 9.69
N GLU A 29 -28.96 -0.81 8.62
CA GLU A 29 -29.88 -1.93 8.46
C GLU A 29 -29.28 -3.05 7.61
N LEU A 30 -28.39 -2.68 6.68
CA LEU A 30 -27.77 -3.66 5.78
C LEU A 30 -26.51 -4.33 6.34
N PHE A 31 -25.87 -3.68 7.30
CA PHE A 31 -24.60 -4.18 7.81
C PHE A 31 -24.61 -4.26 9.34
N THR A 32 -23.91 -5.25 9.85
CA THR A 32 -23.73 -5.41 11.30
C THR A 32 -22.27 -5.15 11.66
N LYS A 33 -22.03 -4.23 12.57
CA LYS A 33 -20.65 -3.95 12.97
C LYS A 33 -20.25 -4.98 14.03
N LEU A 34 -19.12 -5.64 13.81
CA LEU A 34 -18.72 -6.70 14.73
C LEU A 34 -17.62 -6.26 15.69
N GLU A 35 -16.65 -5.50 15.19
CA GLU A 35 -15.58 -4.97 16.04
C GLU A 35 -14.85 -3.81 15.35
N LYS A 36 -14.30 -2.89 16.12
CA LYS A 36 -13.49 -1.82 15.54
C LYS A 36 -12.10 -2.35 15.23
N ILE A 37 -11.63 -2.12 14.01
CA ILE A 37 -10.38 -2.72 13.59
C ILE A 37 -9.36 -1.69 13.12
N GLY A 38 -9.72 -0.42 13.14
CA GLY A 38 -8.81 0.61 12.71
C GLY A 38 -9.26 2.04 12.90
N LYS A 39 -8.30 2.92 13.11
CA LYS A 39 -8.60 4.34 13.21
C LYS A 39 -7.48 5.13 12.56
N GLY A 40 -7.79 5.76 11.42
CA GLY A 40 -6.80 6.52 10.68
C GLY A 40 -6.91 8.01 10.93
N SER A 41 -6.47 8.80 9.96
CA SER A 41 -6.47 10.27 10.03
C SER A 41 -7.88 10.82 10.21
N PHE A 42 -8.86 10.19 9.57
CA PHE A 42 -10.27 10.52 9.76
C PHE A 42 -11.13 9.26 9.72
N GLY A 43 -12.33 9.35 10.27
CA GLY A 43 -13.25 8.22 10.28
C GLY A 43 -12.82 7.06 11.17
N GLU A 44 -13.49 5.94 11.02
CA GLU A 44 -13.17 4.73 11.76
C GLU A 44 -13.46 3.54 10.88
N VAL A 45 -12.66 2.49 11.00
CA VAL A 45 -12.88 1.29 10.20
C VAL A 45 -13.36 0.16 11.09
N PHE A 46 -14.39 -0.55 10.64
CA PHE A 46 -15.00 -1.63 11.40
C PHE A 46 -14.98 -2.93 10.61
N LYS A 47 -14.81 -4.05 11.31
CA LYS A 47 -15.09 -5.36 10.75
C LYS A 47 -16.58 -5.55 10.77
N GLY A 48 -17.18 -5.72 9.61
CA GLY A 48 -18.62 -5.86 9.52
C GLY A 48 -19.05 -7.01 8.65
N ILE A 49 -20.36 -7.18 8.53
CA ILE A 49 -20.91 -8.23 7.70
C ILE A 49 -22.15 -7.73 7.00
N ASP A 50 -22.32 -8.14 5.74
CA ASP A 50 -23.53 -7.83 5.00
C ASP A 50 -24.67 -8.70 5.54
N ASN A 51 -25.66 -8.05 6.18
CA ASN A 51 -26.80 -8.74 6.76
C ASN A 51 -27.62 -9.55 5.76
N ARG A 52 -27.48 -9.18 4.49
CA ARG A 52 -27.89 -10.01 3.38
C ARG A 52 -26.62 -10.66 2.86
N THR A 53 -26.60 -11.98 2.68
CA THR A 53 -25.47 -12.74 2.08
C THR A 53 -24.29 -13.09 3.01
N GLN A 54 -24.25 -12.48 4.20
CA GLN A 54 -23.26 -12.85 5.23
C GLN A 54 -21.77 -12.84 4.82
N LYS A 55 -21.44 -12.00 3.85
CA LYS A 55 -20.05 -11.77 3.50
C LYS A 55 -19.44 -10.83 4.54
N VAL A 56 -18.25 -11.15 5.06
CA VAL A 56 -17.59 -10.25 6.01
C VAL A 56 -16.89 -9.11 5.24
N VAL A 57 -17.03 -7.88 5.72
CA VAL A 57 -16.52 -6.70 5.01
C VAL A 57 -15.77 -5.80 5.97
N ALA A 58 -14.96 -4.91 5.40
CA ALA A 58 -14.40 -3.83 6.17
C ALA A 58 -15.27 -2.60 5.89
N ILE A 59 -15.63 -1.88 6.94
CA ILE A 59 -16.49 -0.73 6.79
C ILE A 59 -15.81 0.54 7.30
N LYS A 60 -15.51 1.47 6.39
CA LYS A 60 -14.89 2.73 6.77
C LYS A 60 -15.97 3.81 6.87
N ILE A 61 -16.26 4.23 8.10
CA ILE A 61 -17.32 5.20 8.33
C ILE A 61 -16.73 6.58 8.61
N ILE A 62 -17.12 7.57 7.80
CA ILE A 62 -16.59 8.92 7.93
C ILE A 62 -17.69 9.95 8.15
N ASP A 63 -17.53 10.78 9.18
CA ASP A 63 -18.45 11.90 9.38
C ASP A 63 -18.07 13.02 8.42
N LEU A 64 -18.91 13.27 7.44
CA LEU A 64 -18.56 14.21 6.38
C LEU A 64 -18.60 15.67 6.84
N GLU A 65 -19.26 15.94 7.97
CA GLU A 65 -19.18 17.26 8.58
C GLU A 65 -17.80 17.45 9.23
N GLU A 66 -17.38 16.46 10.01
CA GLU A 66 -16.09 16.51 10.69
C GLU A 66 -14.89 16.43 9.74
N ALA A 67 -15.13 15.92 8.53
CA ALA A 67 -14.05 15.76 7.55
C ALA A 67 -14.36 16.47 6.24
N GLU A 68 -15.09 17.59 6.31
CA GLU A 68 -15.41 18.38 5.12
C GLU A 68 -14.13 18.80 4.40
N ASP A 69 -13.12 19.01 5.22
CA ASP A 69 -11.73 19.22 4.83
C ASP A 69 -11.17 18.17 3.84
N GLU A 70 -11.59 16.94 3.98
CA GLU A 70 -11.05 15.85 3.21
C GLU A 70 -12.00 15.29 2.15
N ILE A 71 -13.11 15.96 1.88
CA ILE A 71 -14.13 15.39 1.00
C ILE A 71 -13.59 15.16 -0.40
N GLU A 72 -12.73 16.06 -0.86
CA GLU A 72 -12.11 15.88 -2.17
C GLU A 72 -11.27 14.62 -2.23
N ASP A 73 -10.49 14.37 -1.17
CA ASP A 73 -9.68 13.17 -1.09
C ASP A 73 -10.53 11.90 -0.94
N ILE A 74 -11.60 12.00 -0.15
CA ILE A 74 -12.51 10.88 0.04
C ILE A 74 -13.15 10.52 -1.29
N GLN A 75 -13.61 11.53 -2.01
CA GLN A 75 -14.19 11.32 -3.32
C GLN A 75 -13.22 10.61 -4.26
N GLN A 76 -11.95 11.03 -4.25
CA GLN A 76 -10.95 10.43 -5.14
C GLN A 76 -10.69 8.98 -4.78
N GLU A 77 -10.55 8.70 -3.48
CA GLU A 77 -10.34 7.35 -3.01
C GLU A 77 -11.43 6.40 -3.52
N ILE A 78 -12.68 6.81 -3.36
CA ILE A 78 -13.83 5.99 -3.73
C ILE A 78 -13.88 5.77 -5.22
N THR A 79 -13.58 6.84 -5.97
CA THR A 79 -13.55 6.81 -7.42
C THR A 79 -12.55 5.81 -7.97
N VAL A 80 -11.31 5.92 -7.49
CA VAL A 80 -10.26 5.00 -7.89
C VAL A 80 -10.62 3.56 -7.47
N LEU A 81 -11.12 3.41 -6.25
CA LEU A 81 -11.49 2.09 -5.76
C LEU A 81 -12.57 1.45 -6.61
N SER A 82 -13.58 2.23 -6.99
CA SER A 82 -14.67 1.70 -7.81
C SER A 82 -14.17 1.28 -9.19
N GLN A 83 -13.11 1.93 -9.67
CA GLN A 83 -12.62 1.64 -11.00
C GLN A 83 -11.62 0.49 -11.04
N CYS A 84 -11.20 0.01 -9.87
CA CYS A 84 -10.26 -1.11 -9.84
C CYS A 84 -11.01 -2.42 -9.70
N ASP A 85 -10.49 -3.44 -10.37
CA ASP A 85 -11.07 -4.77 -10.35
C ASP A 85 -9.93 -5.76 -10.48
N SER A 86 -9.35 -6.11 -9.34
CA SER A 86 -8.13 -6.91 -9.33
C SER A 86 -7.99 -7.65 -8.02
N PRO A 87 -7.50 -8.90 -8.06
CA PRO A 87 -7.29 -9.65 -6.82
C PRO A 87 -6.18 -9.05 -5.96
N TYR A 88 -5.47 -8.05 -6.50
CA TYR A 88 -4.30 -7.44 -5.84
C TYR A 88 -4.59 -6.05 -5.32
N VAL A 89 -5.84 -5.62 -5.48
CA VAL A 89 -6.31 -4.35 -4.97
C VAL A 89 -7.57 -4.58 -4.11
N THR A 90 -7.62 -3.97 -2.92
CA THR A 90 -8.79 -4.10 -2.03
C THR A 90 -10.10 -3.85 -2.79
N LYS A 91 -10.98 -4.84 -2.76
CA LYS A 91 -12.24 -4.75 -3.51
C LYS A 91 -13.15 -3.74 -2.86
N TYR A 92 -14.01 -3.15 -3.67
CA TYR A 92 -14.92 -2.09 -3.23
C TYR A 92 -16.34 -2.56 -3.44
N TYR A 93 -17.18 -2.44 -2.41
CA TYR A 93 -18.54 -2.96 -2.48
C TYR A 93 -19.56 -1.84 -2.38
N GLY A 94 -19.11 -0.61 -2.61
CA GLY A 94 -20.02 0.52 -2.65
C GLY A 94 -19.96 1.47 -1.46
N SER A 95 -20.60 2.63 -1.59
CA SER A 95 -20.69 3.58 -0.49
C SER A 95 -22.15 3.87 -0.13
N TYR A 96 -22.43 4.03 1.15
CA TYR A 96 -23.79 4.28 1.61
C TYR A 96 -23.78 5.58 2.40
N LEU A 97 -24.89 6.30 2.36
CA LEU A 97 -24.97 7.55 3.09
C LEU A 97 -26.06 7.45 4.14
N LYS A 98 -25.68 7.63 5.39
CA LYS A 98 -26.62 7.65 6.49
C LYS A 98 -26.42 8.95 7.26
N ASP A 99 -27.39 9.87 7.13
CA ASP A 99 -27.31 11.22 7.68
C ASP A 99 -26.04 11.92 7.19
N THR A 100 -25.16 12.30 8.11
CA THR A 100 -23.90 12.94 7.71
C THR A 100 -22.74 11.93 7.56
N LYS A 101 -23.02 10.65 7.79
CA LYS A 101 -21.96 9.64 7.79
C LYS A 101 -21.91 8.84 6.48
N LEU A 102 -20.73 8.80 5.87
CA LEU A 102 -20.50 7.99 4.68
C LEU A 102 -19.95 6.62 5.07
N TRP A 103 -20.57 5.56 4.55
CA TRP A 103 -20.14 4.18 4.84
C TRP A 103 -19.45 3.60 3.62
N ILE A 104 -18.13 3.43 3.69
CA ILE A 104 -17.39 2.88 2.56
C ILE A 104 -17.15 1.40 2.79
N ILE A 105 -17.69 0.58 1.91
CA ILE A 105 -17.63 -0.86 2.09
C ILE A 105 -16.54 -1.46 1.21
N MET A 106 -15.65 -2.20 1.86
CA MET A 106 -14.49 -2.82 1.22
C MET A 106 -14.34 -4.28 1.57
N GLU A 107 -13.47 -4.94 0.81
CA GLU A 107 -12.96 -6.25 1.17
C GLU A 107 -12.33 -6.23 2.55
N TYR A 108 -12.66 -7.21 3.40
CA TYR A 108 -12.04 -7.30 4.72
C TYR A 108 -10.74 -8.10 4.66
N LEU A 109 -9.65 -7.49 5.15
CA LEU A 109 -8.35 -8.16 5.16
C LEU A 109 -7.85 -8.21 6.59
N GLY A 110 -7.94 -9.39 7.19
CA GLY A 110 -7.75 -9.51 8.62
C GLY A 110 -6.41 -10.08 9.02
N GLY A 111 -5.50 -10.22 8.05
CA GLY A 111 -4.18 -10.76 8.34
C GLY A 111 -3.27 -9.74 8.98
N GLY A 112 -3.56 -8.47 8.74
CA GLY A 112 -2.70 -7.39 9.18
C GLY A 112 -1.98 -6.79 7.99
N SER A 113 -1.47 -5.56 8.13
CA SER A 113 -0.62 -4.97 7.09
C SER A 113 0.76 -5.60 7.13
N ALA A 114 1.54 -5.43 6.05
CA ALA A 114 2.92 -5.94 6.04
C ALA A 114 3.73 -5.29 7.14
N LEU A 115 3.37 -4.06 7.50
CA LEU A 115 4.04 -3.38 8.59
C LEU A 115 3.68 -4.00 9.94
N ASP A 116 2.39 -4.30 10.12
CA ASP A 116 1.94 -5.02 11.32
C ASP A 116 2.74 -6.31 11.48
N LEU A 117 2.90 -7.05 10.38
CA LEU A 117 3.54 -8.36 10.41
C LEU A 117 5.03 -8.28 10.70
N LEU A 118 5.59 -7.08 10.59
CA LEU A 118 6.99 -6.81 10.97
C LEU A 118 7.17 -6.59 12.48
N GLU A 119 6.07 -6.31 13.17
CA GLU A 119 6.13 -6.02 14.60
C GLU A 119 6.86 -7.09 15.44
N PRO A 120 6.59 -8.40 15.21
CA PRO A 120 7.23 -9.38 16.11
C PRO A 120 8.71 -9.59 15.85
N GLY A 121 9.18 -9.22 14.66
CA GLY A 121 10.55 -9.49 14.30
C GLY A 121 10.76 -9.50 12.81
N PRO A 122 11.96 -9.89 12.38
CA PRO A 122 12.28 -9.71 10.95
C PRO A 122 11.61 -10.75 10.06
N LEU A 123 11.50 -10.42 8.77
CA LEU A 123 11.04 -11.35 7.74
C LEU A 123 12.25 -12.09 7.18
N ASP A 124 12.05 -13.29 6.64
CA ASP A 124 13.13 -13.89 5.84
C ASP A 124 12.95 -13.48 4.37
N GLU A 125 13.88 -13.86 3.50
CA GLU A 125 13.85 -13.35 2.13
C GLU A 125 12.78 -14.01 1.29
N THR A 126 12.36 -15.21 1.70
CA THR A 126 11.25 -15.88 1.05
C THR A 126 9.95 -15.08 1.28
N GLN A 127 9.75 -14.62 2.51
CA GLN A 127 8.59 -13.80 2.83
C GLN A 127 8.70 -12.44 2.13
N ILE A 128 9.88 -11.83 2.17
CA ILE A 128 10.07 -10.53 1.52
C ILE A 128 9.76 -10.65 0.04
N ALA A 129 10.32 -11.66 -0.62
CA ALA A 129 10.10 -11.82 -2.06
C ALA A 129 8.65 -12.11 -2.42
N THR A 130 7.97 -12.93 -1.60
CA THR A 130 6.58 -13.27 -1.85
C THR A 130 5.70 -12.02 -1.76
N ILE A 131 5.94 -11.21 -0.73
CA ILE A 131 5.17 -9.98 -0.53
C ILE A 131 5.45 -8.99 -1.67
N LEU A 132 6.72 -8.88 -2.05
CA LEU A 132 7.09 -7.93 -3.10
C LEU A 132 6.50 -8.34 -4.45
N ARG A 133 6.42 -9.66 -4.69
CA ARG A 133 5.83 -10.15 -5.93
C ARG A 133 4.36 -9.76 -6.03
N GLU A 134 3.62 -10.00 -4.96
CA GLU A 134 2.23 -9.63 -4.98
C GLU A 134 2.03 -8.11 -5.11
N ILE A 135 2.88 -7.32 -4.45
CA ILE A 135 2.79 -5.86 -4.56
C ILE A 135 3.03 -5.49 -6.03
N LEU A 136 4.00 -6.17 -6.64
CA LEU A 136 4.31 -5.96 -8.05
C LEU A 136 3.14 -6.32 -8.99
N LYS A 137 2.39 -7.37 -8.68
CA LYS A 137 1.22 -7.69 -9.51
C LYS A 137 0.18 -6.58 -9.38
N GLY A 138 0.04 -6.06 -8.16
CA GLY A 138 -0.86 -4.95 -7.93
C GLY A 138 -0.43 -3.71 -8.71
N LEU A 139 0.86 -3.41 -8.67
CA LEU A 139 1.36 -2.22 -9.37
C LEU A 139 1.25 -2.41 -10.87
N ASP A 140 1.56 -3.60 -11.36
CA ASP A 140 1.43 -3.87 -12.78
C ASP A 140 -0.03 -3.66 -13.22
N TYR A 141 -0.99 -4.15 -12.41
CA TYR A 141 -2.40 -3.91 -12.69
C TYR A 141 -2.73 -2.43 -12.73
N LEU A 142 -2.38 -1.70 -11.66
CA LEU A 142 -2.67 -0.27 -11.59
C LEU A 142 -2.04 0.48 -12.76
N HIS A 143 -0.78 0.19 -13.01
CA HIS A 143 -0.06 0.93 -14.03
C HIS A 143 -0.64 0.62 -15.41
N SER A 144 -1.14 -0.61 -15.61
CA SER A 144 -1.79 -0.94 -16.88
C SER A 144 -3.13 -0.20 -16.99
N GLU A 145 -3.69 0.18 -15.85
CA GLU A 145 -4.90 1.02 -15.85
C GLU A 145 -4.58 2.52 -15.85
N LYS A 146 -3.31 2.83 -16.08
CA LYS A 146 -2.81 4.21 -16.06
C LYS A 146 -3.01 4.90 -14.72
N LYS A 147 -3.07 4.12 -13.65
CA LYS A 147 -3.16 4.69 -12.32
C LYS A 147 -1.80 4.66 -11.60
N ILE A 148 -1.55 5.67 -10.77
CA ILE A 148 -0.36 5.70 -9.93
C ILE A 148 -0.82 5.68 -8.49
N HIS A 149 -0.27 4.78 -7.67
CA HIS A 149 -0.73 4.66 -6.28
C HIS A 149 -0.29 5.86 -5.46
N ARG A 150 1.00 6.15 -5.53
CA ARG A 150 1.65 7.29 -4.91
C ARG A 150 1.85 7.23 -3.43
N ASP A 151 1.35 6.19 -2.79
CA ASP A 151 1.60 6.05 -1.37
C ASP A 151 1.93 4.60 -1.03
N ILE A 152 2.80 3.99 -1.82
CA ILE A 152 3.24 2.61 -1.55
C ILE A 152 4.17 2.59 -0.35
N LYS A 153 3.82 1.79 0.65
CA LYS A 153 4.65 1.60 1.84
C LYS A 153 4.05 0.40 2.54
N ALA A 154 4.80 -0.27 3.42
CA ALA A 154 4.32 -1.53 4.01
C ALA A 154 3.00 -1.39 4.78
N ALA A 155 2.72 -0.18 5.30
CA ALA A 155 1.47 0.01 6.04
C ALA A 155 0.25 -0.06 5.11
N ASN A 156 0.47 0.21 3.83
CA ASN A 156 -0.63 0.20 2.87
C ASN A 156 -0.69 -1.08 2.03
N VAL A 157 -0.01 -2.11 2.53
CA VAL A 157 -0.04 -3.44 1.92
C VAL A 157 -0.73 -4.39 2.91
N LEU A 158 -1.93 -4.85 2.57
CA LEU A 158 -2.77 -5.58 3.53
C LEU A 158 -2.94 -7.04 3.16
N LEU A 159 -2.91 -7.91 4.17
CA LEU A 159 -3.01 -9.34 3.93
C LEU A 159 -4.30 -9.91 4.49
N SER A 160 -4.89 -10.86 3.78
CA SER A 160 -6.02 -11.63 4.29
C SER A 160 -5.48 -12.60 5.31
N GLU A 161 -6.36 -13.21 6.10
CA GLU A 161 -5.90 -14.12 7.13
C GLU A 161 -5.21 -15.33 6.51
N HIS A 162 -5.47 -15.59 5.24
CA HIS A 162 -4.83 -16.74 4.65
C HIS A 162 -3.69 -16.39 3.70
N GLY A 163 -3.24 -15.14 3.82
CA GLY A 163 -1.97 -14.75 3.24
C GLY A 163 -2.03 -14.06 1.91
N GLU A 164 -3.23 -13.81 1.39
CA GLU A 164 -3.32 -13.09 0.12
C GLU A 164 -2.99 -11.62 0.36
N VAL A 165 -2.29 -11.01 -0.60
CA VAL A 165 -1.70 -9.68 -0.42
C VAL A 165 -2.35 -8.66 -1.36
N LYS A 166 -2.78 -7.51 -0.84
CA LYS A 166 -3.43 -6.51 -1.65
C LYS A 166 -3.01 -5.09 -1.31
N LEU A 167 -2.99 -4.23 -2.32
CA LEU A 167 -2.74 -2.81 -2.16
C LEU A 167 -3.96 -2.08 -1.58
N ALA A 168 -3.72 -1.20 -0.62
CA ALA A 168 -4.80 -0.42 -0.01
C ALA A 168 -4.47 1.08 0.02
N ASP A 169 -5.45 1.89 0.41
CA ASP A 169 -5.28 3.32 0.70
C ASP A 169 -5.02 4.12 -0.57
N PHE A 170 -6.10 4.40 -1.28
CA PHE A 170 -5.99 5.01 -2.60
C PHE A 170 -6.35 6.48 -2.57
N GLY A 171 -6.30 7.07 -1.37
CA GLY A 171 -6.71 8.46 -1.19
C GLY A 171 -5.92 9.48 -1.99
N VAL A 172 -4.68 9.14 -2.34
CA VAL A 172 -3.88 10.10 -3.09
C VAL A 172 -3.45 9.56 -4.44
N ALA A 173 -4.09 8.49 -4.90
CA ALA A 173 -3.80 7.90 -6.21
C ALA A 173 -4.10 8.88 -7.35
N GLY A 174 -3.26 8.84 -8.38
CA GLY A 174 -3.42 9.74 -9.51
C GLY A 174 -3.78 8.98 -10.78
N GLN A 175 -4.53 9.63 -11.66
CA GLN A 175 -4.95 9.00 -12.91
C GLN A 175 -4.25 9.66 -14.10
N LEU A 176 -3.57 8.88 -14.93
CA LEU A 176 -3.06 9.40 -16.20
C LEU A 176 -4.14 9.25 -17.25
N THR A 177 -4.16 10.15 -18.23
CA THR A 177 -5.06 10.01 -19.37
C THR A 177 -4.27 10.20 -20.67
N ASP A 178 -4.97 10.18 -21.80
CA ASP A 178 -4.32 10.39 -23.09
C ASP A 178 -3.68 11.76 -23.19
N THR A 179 -4.35 12.75 -22.63
CA THR A 179 -3.85 14.11 -22.58
C THR A 179 -2.89 14.27 -21.39
N GLN A 180 -3.39 13.98 -20.19
CA GLN A 180 -2.58 14.06 -18.98
C GLN A 180 -1.65 12.85 -18.83
N ILE A 181 -0.52 12.88 -19.52
CA ILE A 181 0.39 11.73 -19.50
C ILE A 181 1.38 11.78 -18.33
N LYS A 182 1.34 12.86 -17.55
CA LYS A 182 2.18 13.03 -16.36
C LYS A 182 1.37 13.67 -15.25
N ARG A 183 1.80 13.45 -14.01
CA ARG A 183 1.23 14.13 -12.85
C ARG A 183 2.27 15.08 -12.27
N ASN A 184 1.84 16.04 -11.45
CA ASN A 184 2.73 17.01 -10.83
C ASN A 184 2.53 17.20 -9.33
N TPO A 185 1.48 16.58 -8.78
CA TPO A 185 1.07 16.90 -7.42
CB TPO A 185 -0.36 16.40 -7.14
CG2 TPO A 185 -0.78 16.68 -5.69
OG1 TPO A 185 -1.25 17.11 -8.01
P TPO A 185 -2.06 16.02 -8.87
O1P TPO A 185 -2.87 16.73 -9.87
O2P TPO A 185 -1.00 15.09 -9.65
O3P TPO A 185 -2.96 15.08 -7.94
C TPO A 185 2.04 16.36 -6.37
O TPO A 185 2.55 15.23 -6.48
N PHE A 186 2.34 17.21 -5.39
CA PHE A 186 3.19 16.84 -4.28
C PHE A 186 2.38 16.02 -3.29
N VAL A 187 2.61 14.72 -3.27
CA VAL A 187 1.75 13.84 -2.49
C VAL A 187 2.46 12.54 -2.18
N GLY A 188 2.03 11.87 -1.10
CA GLY A 188 2.70 10.67 -0.67
C GLY A 188 3.11 10.77 0.79
N THR A 189 3.92 9.82 1.22
CA THR A 189 4.48 9.83 2.57
C THR A 189 5.98 10.00 2.43
N PRO A 190 6.54 11.08 2.98
CA PRO A 190 7.88 11.57 2.62
C PRO A 190 9.01 10.51 2.59
N PHE A 191 9.07 9.59 3.55
CA PHE A 191 10.15 8.60 3.56
C PHE A 191 10.12 7.75 2.29
N TRP A 192 8.94 7.57 1.73
CA TRP A 192 8.78 6.71 0.57
C TRP A 192 8.67 7.45 -0.75
N MET A 193 8.66 8.77 -0.71
CA MET A 193 8.44 9.58 -1.91
C MET A 193 9.65 9.61 -2.85
N ALA A 194 9.36 9.53 -4.15
CA ALA A 194 10.36 9.57 -5.21
C ALA A 194 10.93 10.98 -5.35
N PRO A 195 12.21 11.10 -5.69
CA PRO A 195 12.77 12.45 -5.74
C PRO A 195 12.03 13.35 -6.73
N GLU A 196 11.59 12.81 -7.86
CA GLU A 196 10.88 13.62 -8.87
C GLU A 196 9.51 14.10 -8.38
N VAL A 197 8.92 13.39 -7.42
CA VAL A 197 7.64 13.81 -6.84
C VAL A 197 7.86 14.97 -5.88
N ILE A 198 8.87 14.81 -5.03
CA ILE A 198 9.28 15.83 -4.08
C ILE A 198 9.57 17.14 -4.78
N LYS A 199 10.42 17.09 -5.80
CA LYS A 199 10.69 18.26 -6.61
C LYS A 199 9.63 18.36 -7.69
N GLN A 200 8.39 18.55 -7.26
CA GLN A 200 7.19 18.51 -8.07
C GLN A 200 7.37 18.57 -9.59
N SER A 201 8.24 17.75 -10.15
CA SER A 201 8.43 17.70 -11.59
C SER A 201 7.37 16.81 -12.18
N ALA A 202 7.29 16.75 -13.51
CA ALA A 202 6.30 15.90 -14.15
C ALA A 202 6.72 14.45 -13.97
N TYR A 203 5.85 13.64 -13.36
CA TYR A 203 6.19 12.25 -13.10
C TYR A 203 5.07 11.29 -13.53
N ASP A 204 5.37 9.99 -13.56
CA ASP A 204 4.37 8.99 -13.90
C ASP A 204 4.50 7.78 -12.98
N SER A 205 4.08 6.61 -13.47
CA SER A 205 4.06 5.40 -12.67
C SER A 205 5.42 5.02 -12.09
N LYS A 206 6.51 5.51 -12.68
CA LYS A 206 7.84 5.13 -12.15
C LYS A 206 8.03 5.63 -10.71
N ALA A 207 7.28 6.66 -10.32
CA ALA A 207 7.30 7.15 -8.94
C ALA A 207 6.97 6.00 -7.98
N ASP A 208 5.98 5.19 -8.34
CA ASP A 208 5.65 4.00 -7.52
C ASP A 208 6.80 3.02 -7.47
N ILE A 209 7.65 2.99 -8.49
CA ILE A 209 8.73 1.98 -8.49
C ILE A 209 9.78 2.37 -7.48
N TRP A 210 10.05 3.68 -7.38
CA TRP A 210 10.91 4.18 -6.31
C TRP A 210 10.35 3.80 -4.94
N SER A 211 9.07 4.08 -4.72
CA SER A 211 8.42 3.81 -3.44
C SER A 211 8.52 2.30 -3.08
N LEU A 212 8.41 1.45 -4.10
CA LEU A 212 8.57 0.01 -3.93
C LEU A 212 9.97 -0.34 -3.45
N GLY A 213 10.97 0.31 -4.01
CA GLY A 213 12.33 0.11 -3.55
C GLY A 213 12.48 0.48 -2.08
N ILE A 214 11.84 1.57 -1.67
CA ILE A 214 11.92 1.99 -0.27
C ILE A 214 11.17 0.95 0.58
N THR A 215 10.04 0.50 0.07
CA THR A 215 9.26 -0.54 0.79
C THR A 215 10.04 -1.85 0.91
N ALA A 216 10.83 -2.19 -0.11
CA ALA A 216 11.66 -3.38 -0.05
C ALA A 216 12.67 -3.29 1.10
N ILE A 217 13.28 -2.12 1.23
CA ILE A 217 14.19 -1.84 2.35
C ILE A 217 13.43 -1.95 3.67
N GLU A 218 12.25 -1.34 3.72
CA GLU A 218 11.38 -1.41 4.90
C GLU A 218 11.04 -2.85 5.29
N LEU A 219 10.76 -3.69 4.29
CA LEU A 219 10.46 -5.10 4.56
C LEU A 219 11.68 -5.86 5.08
N ALA A 220 12.86 -5.43 4.66
CA ALA A 220 14.11 -6.11 5.02
C ALA A 220 14.66 -5.63 6.35
N ARG A 221 14.53 -4.34 6.60
CA ARG A 221 15.09 -3.70 7.78
C ARG A 221 14.07 -3.32 8.84
N GLY A 222 12.81 -3.32 8.48
CA GLY A 222 11.77 -2.93 9.43
C GLY A 222 11.39 -1.46 9.37
N GLU A 223 12.14 -0.65 8.61
CA GLU A 223 11.90 0.79 8.54
C GLU A 223 12.60 1.37 7.30
N PRO A 224 12.05 2.46 6.76
CA PRO A 224 12.65 3.05 5.55
C PRO A 224 13.92 3.83 5.89
N PRO A 225 14.75 4.15 4.87
CA PRO A 225 15.87 5.07 5.12
C PRO A 225 15.40 6.38 5.76
N HIS A 226 16.24 6.99 6.60
CA HIS A 226 16.00 8.31 7.21
C HIS A 226 14.86 8.30 8.25
N SER A 227 14.51 7.12 8.75
CA SER A 227 13.30 6.98 9.56
C SER A 227 13.37 7.79 10.85
N GLU A 228 14.57 8.12 11.30
CA GLU A 228 14.73 8.83 12.57
C GLU A 228 14.71 10.35 12.39
N LEU A 229 14.77 10.80 11.15
CA LEU A 229 14.85 12.23 10.85
C LEU A 229 13.48 12.87 10.74
N HIS A 230 13.45 14.19 10.84
CA HIS A 230 12.20 14.93 10.66
C HIS A 230 11.82 14.88 9.19
N PRO A 231 10.53 14.64 8.90
CA PRO A 231 10.02 14.52 7.53
C PRO A 231 10.46 15.68 6.62
N MET A 232 10.49 16.90 7.17
CA MET A 232 10.89 18.06 6.37
C MET A 232 12.36 18.00 6.02
N LYS A 233 13.17 17.39 6.89
CA LYS A 233 14.58 17.20 6.59
C LYS A 233 14.73 16.21 5.45
N VAL A 234 13.95 15.14 5.50
CA VAL A 234 14.02 14.10 4.47
C VAL A 234 13.69 14.67 3.09
N LEU A 235 12.79 15.65 3.05
CA LEU A 235 12.34 16.21 1.78
C LEU A 235 13.46 16.89 0.97
N PHE A 236 14.50 17.40 1.63
CA PHE A 236 15.62 17.93 0.84
C PHE A 236 16.69 16.86 0.70
N LEU A 237 16.74 15.93 1.63
CA LEU A 237 17.75 14.87 1.55
C LEU A 237 17.51 13.96 0.36
N ILE A 238 16.26 13.59 0.12
CA ILE A 238 15.98 12.62 -0.94
C ILE A 238 16.43 13.10 -2.32
N PRO A 239 16.14 14.36 -2.69
CA PRO A 239 16.74 14.82 -3.96
C PRO A 239 18.26 14.94 -3.95
N LYS A 240 18.85 15.29 -2.80
CA LYS A 240 20.28 15.60 -2.74
C LYS A 240 21.17 14.36 -2.66
N ASN A 241 20.87 13.48 -1.72
CA ASN A 241 21.76 12.36 -1.43
C ASN A 241 21.81 11.31 -2.52
N ASN A 242 22.90 10.53 -2.53
CA ASN A 242 22.94 9.25 -3.22
C ASN A 242 21.67 8.47 -2.88
N PRO A 243 21.14 7.70 -3.83
CA PRO A 243 19.95 6.89 -3.49
C PRO A 243 20.31 5.85 -2.43
N PRO A 244 19.34 5.47 -1.58
CA PRO A 244 19.59 4.46 -0.56
C PRO A 244 20.02 3.15 -1.16
N THR A 245 20.81 2.37 -0.39
CA THR A 245 21.09 0.99 -0.76
C THR A 245 20.74 0.08 0.42
N LEU A 246 20.61 -1.20 0.14
CA LEU A 246 20.40 -2.19 1.20
C LEU A 246 21.73 -2.81 1.59
N GLU A 247 22.20 -2.56 2.82
CA GLU A 247 23.47 -3.14 3.26
C GLU A 247 23.29 -4.25 4.31
N GLY A 248 24.24 -5.18 4.36
CA GLY A 248 24.23 -6.22 5.37
C GLY A 248 23.93 -7.62 4.84
N ASN A 249 23.45 -8.47 5.73
CA ASN A 249 23.21 -9.87 5.41
C ASN A 249 21.93 -10.09 4.61
N TYR A 250 21.97 -9.66 3.36
CA TYR A 250 20.90 -9.87 2.40
C TYR A 250 21.51 -10.38 1.10
N SER A 251 20.78 -11.25 0.40
CA SER A 251 21.30 -11.82 -0.83
C SER A 251 21.56 -10.71 -1.83
N LYS A 252 22.57 -10.90 -2.65
CA LYS A 252 22.88 -9.89 -3.64
C LYS A 252 21.71 -9.64 -4.60
N PRO A 253 20.94 -10.68 -4.99
CA PRO A 253 19.79 -10.27 -5.81
C PRO A 253 18.79 -9.35 -5.09
N LEU A 254 18.63 -9.50 -3.78
CA LEU A 254 17.76 -8.57 -3.08
C LEU A 254 18.35 -7.16 -3.11
N LYS A 255 19.65 -7.05 -2.84
CA LYS A 255 20.32 -5.75 -2.91
C LYS A 255 20.22 -5.12 -4.29
N GLU A 256 20.32 -5.96 -5.31
CA GLU A 256 20.20 -5.49 -6.70
C GLU A 256 18.76 -5.08 -7.04
N PHE A 257 17.79 -5.81 -6.51
CA PHE A 257 16.38 -5.45 -6.71
C PHE A 257 16.15 -4.03 -6.18
N VAL A 258 16.63 -3.78 -4.97
CA VAL A 258 16.51 -2.47 -4.35
C VAL A 258 17.21 -1.40 -5.21
N GLU A 259 18.44 -1.67 -5.62
CA GLU A 259 19.21 -0.73 -6.44
C GLU A 259 18.52 -0.37 -7.76
N ALA A 260 17.87 -1.36 -8.37
CA ALA A 260 17.18 -1.17 -9.65
C ALA A 260 16.04 -0.18 -9.49
N CYS A 261 15.30 -0.32 -8.39
CA CYS A 261 14.18 0.57 -8.08
C CYS A 261 14.65 1.97 -7.71
N LEU A 262 15.73 2.03 -6.93
CA LEU A 262 16.12 3.31 -6.37
C LEU A 262 17.15 3.99 -7.24
N ASN A 263 16.71 4.34 -8.43
CA ASN A 263 17.49 5.17 -9.34
C ASN A 263 16.86 6.55 -9.35
N LYS A 264 17.67 7.58 -9.09
CA LYS A 264 17.13 8.93 -8.97
C LYS A 264 16.48 9.41 -10.28
N GLU A 265 16.93 8.87 -11.41
CA GLU A 265 16.32 9.18 -12.72
C GLU A 265 15.25 8.15 -13.05
N PRO A 266 13.98 8.57 -13.10
CA PRO A 266 12.89 7.60 -13.21
C PRO A 266 12.89 6.76 -14.49
N SER A 267 13.37 7.29 -15.63
CA SER A 267 13.37 6.50 -16.87
C SER A 267 14.33 5.31 -16.81
N PHE A 268 15.26 5.30 -15.87
CA PHE A 268 16.18 4.16 -15.72
C PHE A 268 15.62 3.07 -14.80
N ARG A 269 14.50 3.35 -14.14
CA ARG A 269 13.85 2.33 -13.32
C ARG A 269 13.12 1.34 -14.20
N PRO A 270 13.12 0.07 -13.81
CA PRO A 270 12.32 -0.89 -14.58
C PRO A 270 10.83 -0.73 -14.29
N THR A 271 10.00 -1.29 -15.16
CA THR A 271 8.57 -1.36 -14.90
C THR A 271 8.28 -2.47 -13.90
N ALA A 272 7.09 -2.44 -13.33
CA ALA A 272 6.67 -3.52 -12.44
C ALA A 272 6.70 -4.87 -13.20
N LYS A 273 6.25 -4.86 -14.45
CA LYS A 273 6.29 -6.07 -15.28
C LYS A 273 7.69 -6.70 -15.37
N GLU A 274 8.71 -5.88 -15.63
CA GLU A 274 10.09 -6.39 -15.65
C GLU A 274 10.56 -6.90 -14.31
N LEU A 275 10.19 -6.17 -13.26
CA LEU A 275 10.61 -6.53 -11.91
C LEU A 275 10.04 -7.87 -11.47
N LEU A 276 8.88 -8.24 -12.01
CA LEU A 276 8.26 -9.54 -11.69
C LEU A 276 9.17 -10.68 -12.14
N LYS A 277 10.05 -10.37 -13.08
CA LYS A 277 10.98 -11.34 -13.62
C LYS A 277 12.36 -11.21 -13.01
N HIS A 278 12.52 -10.34 -12.01
CA HIS A 278 13.83 -10.15 -11.37
C HIS A 278 14.27 -11.41 -10.65
N LYS A 279 15.57 -11.67 -10.67
CA LYS A 279 16.11 -12.90 -10.09
C LYS A 279 15.75 -13.05 -8.61
N PHE A 280 15.71 -11.96 -7.86
CA PHE A 280 15.38 -12.09 -6.44
C PHE A 280 13.94 -12.61 -6.30
N ILE A 281 13.05 -12.12 -7.15
CA ILE A 281 11.68 -12.61 -7.15
C ILE A 281 11.61 -14.09 -7.57
N LEU A 282 12.15 -14.43 -8.74
CA LEU A 282 12.06 -15.79 -9.28
C LEU A 282 12.66 -16.83 -8.32
N ARG A 283 13.81 -16.50 -7.73
CA ARG A 283 14.47 -17.43 -6.82
C ARG A 283 13.79 -17.64 -5.47
N ASN A 284 13.21 -16.58 -4.90
CA ASN A 284 12.78 -16.63 -3.50
C ASN A 284 11.27 -16.62 -3.26
N ALA A 285 10.51 -16.11 -4.22
CA ALA A 285 9.05 -16.01 -4.06
C ALA A 285 8.40 -17.38 -4.08
N LYS A 286 7.46 -17.59 -3.15
CA LYS A 286 6.72 -18.84 -3.02
C LYS A 286 5.22 -18.56 -2.94
N LYS A 287 4.43 -19.61 -2.74
CA LYS A 287 2.98 -19.47 -2.62
C LYS A 287 2.60 -18.53 -1.50
N THR A 288 1.56 -17.73 -1.72
CA THR A 288 1.09 -16.80 -0.71
C THR A 288 0.58 -17.54 0.55
N SER A 289 0.14 -18.78 0.39
CA SER A 289 -0.39 -19.50 1.54
C SER A 289 0.70 -19.75 2.60
N TYR A 290 1.97 -19.70 2.20
CA TYR A 290 3.03 -19.82 3.21
C TYR A 290 3.07 -18.62 4.15
N LEU A 291 2.45 -17.52 3.76
CA LEU A 291 2.48 -16.33 4.59
C LEU A 291 1.58 -16.48 5.82
N THR A 292 0.78 -17.55 5.89
CA THR A 292 0.00 -17.79 7.09
C THR A 292 0.93 -17.97 8.29
N GLU A 293 2.14 -18.45 8.04
CA GLU A 293 3.13 -18.55 9.13
C GLU A 293 3.37 -17.19 9.75
N LEU A 294 3.57 -16.18 8.90
CA LEU A 294 3.76 -14.81 9.34
C LEU A 294 2.52 -14.23 10.05
N ILE A 295 1.35 -14.55 9.52
CA ILE A 295 0.12 -14.08 10.13
C ILE A 295 -0.10 -14.75 11.50
N ASP A 296 0.24 -16.02 11.63
CA ASP A 296 0.12 -16.69 12.95
C ASP A 296 1.10 -16.06 13.92
N ARG A 297 2.31 -15.73 13.44
CA ARG A 297 3.34 -15.16 14.31
C ARG A 297 2.83 -13.85 14.91
N TYR A 298 2.14 -13.06 14.09
CA TYR A 298 1.58 -11.78 14.53
C TYR A 298 0.51 -12.02 15.59
N LYS A 299 -0.36 -12.99 15.36
CA LYS A 299 -1.41 -13.32 16.33
C LYS A 299 -0.83 -13.76 17.68
N ARG A 300 0.18 -14.64 17.63
CA ARG A 300 0.90 -15.04 18.84
C ARG A 300 1.49 -13.86 19.58
N TRP A 301 2.13 -12.98 18.81
CA TRP A 301 2.76 -11.79 19.35
C TRP A 301 1.71 -10.90 20.01
N LYS A 302 0.61 -10.65 19.30
CA LYS A 302 -0.43 -9.77 19.78
C LYS A 302 -1.05 -10.27 21.08
N ALA A 303 -1.14 -11.59 21.22
CA ALA A 303 -1.77 -12.20 22.39
C ALA A 303 -0.93 -12.04 23.66
N GLU A 304 0.37 -11.83 23.50
CA GLU A 304 1.25 -11.74 24.66
C GLU A 304 1.77 -10.31 24.84
N GLN A 305 1.10 -9.33 24.23
CA GLN A 305 1.53 -7.94 24.34
C GLN A 305 0.71 -7.18 25.40
C1 EDO B . -10.48 -13.22 5.56
O1 EDO B . -10.34 -13.33 6.97
C2 EDO B . -9.62 -12.07 5.06
O2 EDO B . -8.75 -11.65 6.10
MG MG C . -2.98 6.36 4.89
PG ANP D . -3.47 7.23 7.99
O1G ANP D . -4.75 7.98 7.80
O2G ANP D . -2.71 7.80 9.25
O3G ANP D . -2.57 7.35 6.69
PB ANP D . -4.70 4.81 7.24
O1B ANP D . -4.49 5.40 5.90
O2B ANP D . -4.30 3.31 7.31
N3B ANP D . -3.72 5.59 8.35
PA ANP D . -7.47 4.14 7.13
O1A ANP D . -7.53 3.93 5.66
O2A ANP D . -8.70 4.90 7.64
O3A ANP D . -6.21 5.00 7.65
O5' ANP D . -7.34 2.73 7.83
C5' ANP D . -7.63 2.60 9.24
C4' ANP D . -7.08 1.30 9.77
O4' ANP D . -7.91 0.20 9.30
C3' ANP D . -5.64 0.97 9.35
O3' ANP D . -4.90 0.32 10.38
C2' ANP D . -5.84 0.03 8.16
O2' ANP D . -4.75 -0.86 7.97
C1' ANP D . -7.13 -0.72 8.55
N9 ANP D . -7.88 -1.10 7.36
C8 ANP D . -8.14 -0.30 6.29
N7 ANP D . -8.76 -0.89 5.31
C5 ANP D . -8.91 -2.20 5.75
C6 ANP D . -9.47 -3.34 5.16
N6 ANP D . -10.04 -3.34 3.95
N1 ANP D . -9.44 -4.49 5.87
C2 ANP D . -8.87 -4.49 7.08
N3 ANP D . -8.30 -3.47 7.74
C4 ANP D . -8.35 -2.35 7.01
#